data_9BT7
#
_entry.id   9BT7
#
_cell.length_a   70.186
_cell.length_b   71.102
_cell.length_c   71.603
_cell.angle_alpha   90.00
_cell.angle_beta   90.00
_cell.angle_gamma   90.00
#
_symmetry.space_group_name_H-M   'P 21 21 21'
#
loop_
_entity.id
_entity.type
_entity.pdbx_description
1 polymer 'Secreted chorismate mutase'
2 polymer 'Cyclic peptide inhibitor D1.3'
3 water water
#
loop_
_entity_poly.entity_id
_entity_poly.type
_entity_poly.pdbx_seq_one_letter_code
_entity_poly.pdbx_strand_id
1 'polypeptide(L)'
;DGTSQLAELVDAAAERLEVADPVAAFKWRAQLPIEDSGRVEQQLAKLGEDARSQHIDPDYVTRVFDDQIRATEAIEYSRF
SDWKLNPASAPPEPPDLSASRSAIDSLNNRMLSQIWSHWSLLSAPSCAAQLDRAKRDIVRSRHLDSLYQRALTTATQSYC
QALPPAGLNDIFEAQKIEWHESSGLVPRGSAAGHHHHHHHHHHEL
;
A,B
2 'polypeptide(L)' (ACE)(DTY)QFEQWHIRGRYAC C,D
#
# COMPACT_ATOMS: atom_id res chain seq x y z
N THR A 3 -22.54 -8.51 26.61
CA THR A 3 -21.26 -7.84 26.33
C THR A 3 -20.08 -8.78 26.50
N SER A 4 -19.18 -8.77 25.52
CA SER A 4 -18.06 -9.70 25.52
C SER A 4 -17.03 -9.31 26.57
N GLN A 5 -16.53 -10.33 27.27
N GLN A 5 -16.53 -10.33 27.28
CA GLN A 5 -15.40 -10.15 28.17
CA GLN A 5 -15.40 -10.14 28.18
C GLN A 5 -14.13 -9.73 27.44
C GLN A 5 -14.13 -9.72 27.44
N LEU A 6 -14.08 -9.88 26.12
CA LEU A 6 -12.90 -9.49 25.34
C LEU A 6 -13.03 -8.08 24.75
N ALA A 7 -14.08 -7.33 25.10
CA ALA A 7 -14.32 -6.05 24.45
C ALA A 7 -13.27 -5.02 24.80
N GLU A 8 -12.78 -5.01 26.05
CA GLU A 8 -11.76 -4.02 26.41
C GLU A 8 -10.46 -4.26 25.66
N LEU A 9 -10.07 -5.53 25.52
CA LEU A 9 -8.89 -5.89 24.74
C LEU A 9 -9.06 -5.49 23.27
N VAL A 10 -10.20 -5.83 22.68
CA VAL A 10 -10.41 -5.53 21.27
C VAL A 10 -10.48 -4.02 21.05
N ASP A 11 -11.10 -3.30 22.00
CA ASP A 11 -11.11 -1.85 21.94
C ASP A 11 -9.70 -1.28 21.93
N ALA A 12 -8.83 -1.83 22.79
CA ALA A 12 -7.44 -1.36 22.84
C ALA A 12 -6.70 -1.68 21.55
N ALA A 13 -6.92 -2.86 20.99
CA ALA A 13 -6.28 -3.22 19.73
C ALA A 13 -6.74 -2.28 18.59
N ALA A 14 -8.03 -1.96 18.56
CA ALA A 14 -8.53 -1.04 17.54
C ALA A 14 -7.96 0.36 17.73
N GLU A 15 -7.90 0.83 18.99
CA GLU A 15 -7.30 2.14 19.22
C GLU A 15 -5.85 2.15 18.78
N ARG A 16 -5.14 1.03 18.98
CA ARG A 16 -3.75 0.96 18.54
C ARG A 16 -3.66 0.96 17.02
N LEU A 17 -4.62 0.32 16.34
CA LEU A 17 -4.65 0.38 14.89
C LEU A 17 -4.75 1.81 14.40
N GLU A 18 -5.49 2.66 15.14
CA GLU A 18 -5.69 4.02 14.70
C GLU A 18 -4.39 4.84 14.62
N VAL A 19 -3.32 4.41 15.30
CA VAL A 19 -2.05 5.13 15.23
C VAL A 19 -1.45 5.04 13.82
N ALA A 20 -1.92 4.09 13.01
CA ALA A 20 -1.43 3.99 11.64
C ALA A 20 -1.64 5.28 10.86
N ASP A 21 -2.74 6.01 11.12
CA ASP A 21 -3.02 7.17 10.28
C ASP A 21 -2.04 8.30 10.51
N PRO A 22 -1.81 8.79 11.74
CA PRO A 22 -0.76 9.81 11.92
C PRO A 22 0.61 9.32 11.51
N VAL A 23 0.93 8.05 11.76
CA VAL A 23 2.25 7.56 11.37
C VAL A 23 2.40 7.55 9.86
N ALA A 24 1.37 7.10 9.13
CA ALA A 24 1.41 7.12 7.68
C ALA A 24 1.57 8.55 7.16
N ALA A 25 0.79 9.49 7.70
CA ALA A 25 0.88 10.87 7.25
C ALA A 25 2.30 11.42 7.46
N PHE A 26 2.88 11.11 8.63
CA PHE A 26 4.23 11.59 8.93
C PHE A 26 5.26 10.98 7.99
N LYS A 27 5.20 9.66 7.79
CA LYS A 27 6.18 8.99 6.93
C LYS A 27 6.06 9.47 5.49
N TRP A 28 4.83 9.74 5.02
CA TRP A 28 4.66 10.29 3.68
C TRP A 28 5.35 11.64 3.54
N ARG A 29 5.07 12.56 4.47
CA ARG A 29 5.64 13.90 4.35
C ARG A 29 7.16 13.87 4.55
N ALA A 30 7.64 13.01 5.43
CA ALA A 30 9.06 12.91 5.72
C ALA A 30 9.81 11.99 4.76
N GLN A 31 9.10 11.38 3.82
CA GLN A 31 9.73 10.50 2.82
C GLN A 31 10.47 9.34 3.47
N LEU A 32 9.85 8.77 4.51
CA LEU A 32 10.36 7.60 5.22
C LEU A 32 9.69 6.33 4.74
N PRO A 33 10.39 5.21 4.68
CA PRO A 33 9.72 3.94 4.35
C PRO A 33 8.71 3.55 5.41
N ILE A 34 7.61 2.91 4.96
CA ILE A 34 6.71 2.26 5.92
C ILE A 34 7.41 1.10 6.59
N GLU A 35 8.05 0.25 5.78
CA GLU A 35 8.62 -0.99 6.28
C GLU A 35 9.88 -0.70 7.08
N ASP A 36 9.99 -1.34 8.25
CA ASP A 36 11.21 -1.21 9.06
C ASP A 36 11.37 -2.53 9.84
N SER A 37 12.03 -3.50 9.21
CA SER A 37 12.06 -4.84 9.78
C SER A 37 12.88 -4.88 11.06
N GLY A 38 13.92 -4.06 11.16
CA GLY A 38 14.71 -4.04 12.38
C GLY A 38 13.92 -3.49 13.56
N ARG A 39 13.13 -2.44 13.32
CA ARG A 39 12.30 -1.90 14.39
C ARG A 39 11.25 -2.90 14.83
N VAL A 40 10.66 -3.63 13.89
CA VAL A 40 9.69 -4.68 14.24
C VAL A 40 10.36 -5.75 15.11
N GLU A 41 11.54 -6.21 14.72
CA GLU A 41 12.22 -7.22 15.53
C GLU A 41 12.45 -6.70 16.94
N GLN A 42 12.92 -5.46 17.08
CA GLN A 42 13.17 -4.93 18.42
C GLN A 42 11.88 -4.78 19.22
N GLN A 43 10.80 -4.31 18.59
CA GLN A 43 9.54 -4.19 19.30
C GLN A 43 9.04 -5.54 19.79
N LEU A 44 9.05 -6.54 18.90
CA LEU A 44 8.53 -7.85 19.28
C LEU A 44 9.39 -8.51 20.35
N ALA A 45 10.72 -8.34 20.26
CA ALA A 45 11.58 -8.89 21.30
C ALA A 45 11.26 -8.26 22.65
N LYS A 46 11.04 -6.92 22.67
CA LYS A 46 10.72 -6.25 23.91
C LYS A 46 9.40 -6.72 24.48
N LEU A 47 8.40 -6.90 23.62
CA LEU A 47 7.09 -7.36 24.10
C LEU A 47 7.17 -8.79 24.61
N GLY A 48 7.98 -9.64 23.97
CA GLY A 48 8.20 -10.97 24.50
C GLY A 48 8.82 -10.94 25.89
N GLU A 49 9.73 -9.99 26.12
CA GLU A 49 10.32 -9.87 27.45
C GLU A 49 9.34 -9.29 28.47
N ASP A 50 8.47 -8.36 28.05
CA ASP A 50 7.42 -7.89 28.95
C ASP A 50 6.51 -9.04 29.37
N ALA A 51 6.16 -9.89 28.40
CA ALA A 51 5.35 -11.07 28.71
C ALA A 51 6.08 -11.98 29.70
N ARG A 52 7.35 -12.28 29.43
CA ARG A 52 8.08 -13.17 30.33
C ARG A 52 8.19 -12.57 31.73
N SER A 53 8.37 -11.25 31.83
CA SER A 53 8.40 -10.60 33.14
C SER A 53 7.11 -10.88 33.91
N GLN A 54 5.97 -10.92 33.21
CA GLN A 54 4.70 -11.20 33.89
C GLN A 54 4.36 -12.70 33.95
N HIS A 55 5.29 -13.58 33.53
CA HIS A 55 5.09 -15.02 33.48
C HIS A 55 4.03 -15.42 32.46
N ILE A 56 3.88 -14.60 31.39
CA ILE A 56 3.02 -14.89 30.24
C ILE A 56 3.87 -15.55 29.15
N ASP A 57 3.28 -16.49 28.42
CA ASP A 57 3.97 -17.20 27.34
C ASP A 57 4.44 -16.21 26.28
N PRO A 58 5.76 -16.02 26.11
CA PRO A 58 6.23 -14.98 25.18
C PRO A 58 5.86 -15.24 23.73
N ASP A 59 5.85 -16.50 23.27
CA ASP A 59 5.58 -16.78 21.86
C ASP A 59 4.13 -16.47 21.49
N TYR A 60 3.18 -16.75 22.39
CA TYR A 60 1.79 -16.35 22.15
C TYR A 60 1.69 -14.84 21.98
N VAL A 61 2.37 -14.10 22.86
CA VAL A 61 2.35 -12.64 22.83
C VAL A 61 2.99 -12.10 21.56
N THR A 62 4.15 -12.64 21.18
CA THR A 62 4.81 -12.08 20.00
C THR A 62 4.05 -12.42 18.72
N ARG A 63 3.36 -13.57 18.67
CA ARG A 63 2.50 -13.81 17.51
C ARG A 63 1.34 -12.81 17.47
N VAL A 64 0.71 -12.57 18.62
CA VAL A 64 -0.39 -11.59 18.64
C VAL A 64 0.09 -10.22 18.17
N PHE A 65 1.23 -9.78 18.68
CA PHE A 65 1.67 -8.45 18.30
C PHE A 65 2.23 -8.38 16.89
N ASP A 66 2.78 -9.49 16.36
CA ASP A 66 3.14 -9.49 14.94
C ASP A 66 1.92 -9.33 14.07
N ASP A 67 0.82 -10.01 14.43
CA ASP A 67 -0.46 -9.79 13.74
C ASP A 67 -0.89 -8.34 13.81
N GLN A 68 -0.83 -7.77 15.02
CA GLN A 68 -1.25 -6.37 15.20
C GLN A 68 -0.41 -5.43 14.35
N ILE A 69 0.90 -5.65 14.32
CA ILE A 69 1.79 -4.77 13.56
C ILE A 69 1.54 -4.93 12.07
N ARG A 70 1.37 -6.17 11.58
CA ARG A 70 1.03 -6.37 10.18
C ARG A 70 -0.25 -5.61 9.83
N ALA A 71 -1.27 -5.69 10.69
CA ALA A 71 -2.52 -5.00 10.43
C ALA A 71 -2.34 -3.47 10.38
N THR A 72 -1.52 -2.94 11.29
CA THR A 72 -1.20 -1.52 11.28
C THR A 72 -0.50 -1.12 9.98
N GLU A 73 0.52 -1.89 9.59
CA GLU A 73 1.24 -1.62 8.35
C GLU A 73 0.29 -1.69 7.16
N ALA A 74 -0.68 -2.61 7.20
CA ALA A 74 -1.61 -2.74 6.07
C ALA A 74 -2.40 -1.45 5.88
N ILE A 75 -2.82 -0.83 7.00
CA ILE A 75 -3.49 0.48 6.90
C ILE A 75 -2.57 1.52 6.28
N GLU A 76 -1.31 1.56 6.72
CA GLU A 76 -0.38 2.54 6.15
C GLU A 76 -0.20 2.33 4.64
N TYR A 77 -0.05 1.08 4.19
CA TYR A 77 0.10 0.82 2.76
C TYR A 77 -1.14 1.25 1.98
N SER A 78 -2.34 1.01 2.55
CA SER A 78 -3.56 1.44 1.88
C SER A 78 -3.61 2.97 1.73
N ARG A 79 -3.26 3.69 2.79
CA ARG A 79 -3.18 5.15 2.68
C ARG A 79 -2.18 5.57 1.60
N PHE A 80 -1.01 4.93 1.56
CA PHE A 80 -0.04 5.33 0.55
C PHE A 80 -0.58 5.09 -0.85
N SER A 81 -1.35 4.02 -1.03
CA SER A 81 -1.97 3.78 -2.33
C SER A 81 -2.89 4.94 -2.72
N ASP A 82 -3.75 5.35 -1.77
CA ASP A 82 -4.63 6.49 -2.02
C ASP A 82 -3.84 7.75 -2.35
N TRP A 83 -2.77 8.02 -1.60
CA TRP A 83 -2.02 9.26 -1.80
C TRP A 83 -1.16 9.22 -3.06
N LYS A 84 -0.74 8.03 -3.50
CA LYS A 84 -0.08 7.92 -4.80
C LYS A 84 -1.04 8.32 -5.90
N LEU A 85 -2.31 7.90 -5.79
CA LEU A 85 -3.31 8.30 -6.79
C LEU A 85 -3.60 9.80 -6.74
N ASN A 86 -3.56 10.41 -5.56
CA ASN A 86 -3.86 11.84 -5.41
C ASN A 86 -3.01 12.43 -4.28
N PRO A 87 -1.78 12.86 -4.57
CA PRO A 87 -0.89 13.36 -3.52
C PRO A 87 -1.45 14.59 -2.78
N ALA A 88 -2.33 15.35 -3.42
CA ALA A 88 -2.94 16.51 -2.75
C ALA A 88 -3.82 16.11 -1.57
N SER A 89 -4.22 14.84 -1.48
CA SER A 89 -5.08 14.40 -0.40
C SER A 89 -4.32 13.91 0.82
N ALA A 90 -2.99 13.85 0.76
CA ALA A 90 -2.22 13.45 1.93
C ALA A 90 -2.43 14.48 3.04
N PRO A 91 -2.86 14.07 4.22
CA PRO A 91 -3.37 15.02 5.21
C PRO A 91 -2.25 15.61 6.05
N PRO A 92 -2.50 16.70 6.77
CA PRO A 92 -1.48 17.26 7.66
C PRO A 92 -1.00 16.23 8.67
N GLU A 93 0.29 16.16 8.83
CA GLU A 93 0.89 15.15 9.67
C GLU A 93 1.17 15.72 11.06
N PRO A 94 1.35 14.87 12.05
CA PRO A 94 1.70 15.37 13.39
C PRO A 94 3.09 16.00 13.35
N PRO A 95 3.39 16.93 14.28
CA PRO A 95 4.72 17.56 14.27
C PRO A 95 5.85 16.56 14.50
N ASP A 96 5.59 15.49 15.22
CA ASP A 96 6.56 14.42 15.43
C ASP A 96 5.79 13.19 15.88
N LEU A 97 6.51 12.10 16.13
CA LEU A 97 5.86 10.85 16.51
C LEU A 97 6.04 10.52 17.99
N SER A 98 6.45 11.50 18.80
CA SER A 98 6.59 11.23 20.24
C SER A 98 5.25 10.85 20.86
N ALA A 99 4.18 11.56 20.50
CA ALA A 99 2.87 11.24 21.03
C ALA A 99 2.41 9.86 20.57
N SER A 100 2.70 9.51 19.30
CA SER A 100 2.35 8.18 18.80
C SER A 100 3.17 7.10 19.52
N ARG A 101 4.44 7.35 19.77
CA ARG A 101 5.23 6.38 20.53
C ARG A 101 4.66 6.19 21.93
N SER A 102 4.28 7.28 22.60
CA SER A 102 3.67 7.16 23.92
C SER A 102 2.38 6.36 23.86
N ALA A 103 1.53 6.66 22.87
CA ALA A 103 0.27 5.95 22.74
C ALA A 103 0.50 4.47 22.51
N ILE A 104 1.43 4.11 21.63
CA ILE A 104 1.73 2.70 21.38
C ILE A 104 2.21 2.02 22.65
N ASP A 105 3.10 2.64 23.42
CA ASP A 105 3.56 2.03 24.67
C ASP A 105 2.39 1.79 25.62
N SER A 106 1.53 2.80 25.78
N SER A 106 1.52 2.80 25.78
CA SER A 106 0.37 2.67 26.65
CA SER A 106 0.37 2.65 26.68
C SER A 106 -0.56 1.56 26.19
C SER A 106 -0.56 1.55 26.19
N LEU A 107 -0.81 1.48 24.88
CA LEU A 107 -1.74 0.49 24.36
C LEU A 107 -1.13 -0.90 24.34
N ASN A 108 0.17 -1.02 24.11
CA ASN A 108 0.86 -2.30 24.33
C ASN A 108 0.56 -2.82 25.71
N ASN A 109 0.77 -1.95 26.72
CA ASN A 109 0.56 -2.38 28.10
C ASN A 109 -0.90 -2.73 28.37
N ARG A 110 -1.83 -1.93 27.82
CA ARG A 110 -3.24 -2.24 28.01
C ARG A 110 -3.60 -3.59 27.41
N MET A 111 -3.11 -3.87 26.19
CA MET A 111 -3.41 -5.14 25.54
C MET A 111 -2.83 -6.31 26.32
N LEU A 112 -1.55 -6.21 26.71
CA LEU A 112 -0.92 -7.33 27.40
C LEU A 112 -1.60 -7.60 28.74
N SER A 113 -1.98 -6.55 29.47
CA SER A 113 -2.66 -6.77 30.74
C SER A 113 -4.05 -7.35 30.52
N GLN A 114 -4.75 -6.96 29.44
CA GLN A 114 -6.05 -7.57 29.16
C GLN A 114 -5.90 -9.02 28.76
N ILE A 115 -4.85 -9.33 28.00
CA ILE A 115 -4.56 -10.70 27.61
C ILE A 115 -4.39 -11.58 28.84
N TRP A 116 -3.55 -11.15 29.79
CA TRP A 116 -3.41 -11.97 31.00
C TRP A 116 -4.71 -12.01 31.80
N SER A 117 -5.41 -10.87 31.90
CA SER A 117 -6.63 -10.82 32.71
C SER A 117 -7.68 -11.80 32.23
N HIS A 118 -7.70 -12.10 30.94
CA HIS A 118 -8.70 -12.95 30.32
C HIS A 118 -8.09 -14.22 29.75
N TRP A 119 -6.95 -14.63 30.33
CA TRP A 119 -6.22 -15.77 29.78
C TRP A 119 -7.07 -17.03 29.79
N SER A 120 -7.87 -17.22 30.84
CA SER A 120 -8.71 -18.42 30.91
C SER A 120 -9.70 -18.46 29.76
N LEU A 121 -10.30 -17.32 29.42
CA LEU A 121 -11.23 -17.28 28.30
C LEU A 121 -10.51 -17.44 26.97
N LEU A 122 -9.35 -16.79 26.79
CA LEU A 122 -8.62 -16.91 25.54
C LEU A 122 -8.21 -18.35 25.26
N SER A 123 -8.03 -19.17 26.31
CA SER A 123 -7.71 -20.58 26.11
C SER A 123 -8.94 -21.47 26.11
N ALA A 124 -10.13 -20.92 26.22
CA ALA A 124 -11.34 -21.69 26.40
C ALA A 124 -12.10 -21.83 25.10
N PRO A 125 -12.97 -22.85 24.97
CA PRO A 125 -13.72 -23.05 23.72
C PRO A 125 -14.60 -21.88 23.33
N SER A 126 -15.12 -21.10 24.28
CA SER A 126 -15.99 -19.98 23.94
C SER A 126 -15.22 -18.76 23.42
N CYS A 127 -13.88 -18.82 23.40
CA CYS A 127 -13.11 -17.66 22.98
C CYS A 127 -13.57 -17.11 21.63
N ALA A 128 -13.68 -17.99 20.62
CA ALA A 128 -14.03 -17.53 19.29
C ALA A 128 -15.35 -16.76 19.30
N ALA A 129 -16.37 -17.32 19.96
CA ALA A 129 -17.65 -16.62 19.99
C ALA A 129 -17.50 -15.28 20.69
N GLN A 130 -16.80 -15.29 21.83
CA GLN A 130 -16.63 -14.05 22.58
C GLN A 130 -15.84 -13.03 21.78
N LEU A 131 -14.92 -13.50 20.93
CA LEU A 131 -14.14 -12.55 20.15
C LEU A 131 -14.98 -11.97 19.03
N ASP A 132 -15.80 -12.80 18.39
CA ASP A 132 -16.69 -12.30 17.34
C ASP A 132 -17.59 -11.21 17.89
N ARG A 133 -18.23 -11.49 19.03
CA ARG A 133 -19.08 -10.49 19.67
C ARG A 133 -18.30 -9.21 19.93
N ALA A 134 -17.08 -9.33 20.49
CA ALA A 134 -16.33 -8.15 20.83
C ALA A 134 -16.01 -7.34 19.59
N LYS A 135 -15.60 -8.01 18.50
CA LYS A 135 -15.27 -7.25 17.31
C LYS A 135 -16.51 -6.51 16.81
N ARG A 136 -17.65 -7.18 16.82
CA ARG A 136 -18.86 -6.52 16.33
C ARG A 136 -19.11 -5.25 17.13
N ASP A 137 -19.01 -5.34 18.45
CA ASP A 137 -19.35 -4.17 19.27
C ASP A 137 -18.34 -3.07 19.06
N ILE A 138 -17.05 -3.43 18.93
CA ILE A 138 -16.03 -2.41 18.81
C ILE A 138 -16.10 -1.79 17.43
N VAL A 139 -16.49 -2.58 16.42
CA VAL A 139 -16.66 -2.02 15.09
C VAL A 139 -17.72 -0.93 15.13
N ARG A 140 -18.76 -1.15 15.95
CA ARG A 140 -19.79 -0.13 16.09
C ARG A 140 -19.28 1.05 16.91
N SER A 141 -18.64 0.78 18.05
CA SER A 141 -18.43 1.91 18.95
C SER A 141 -17.30 2.81 18.45
N ARG A 142 -16.38 2.26 17.65
CA ARG A 142 -15.29 3.04 17.10
C ARG A 142 -15.49 3.42 15.64
N HIS A 143 -16.66 3.12 15.06
CA HIS A 143 -17.01 3.55 13.71
C HIS A 143 -16.03 3.04 12.65
N LEU A 144 -15.65 1.77 12.75
CA LEU A 144 -14.62 1.23 11.87
C LEU A 144 -15.19 0.92 10.49
N ASP A 145 -14.51 1.44 9.45
CA ASP A 145 -14.87 1.22 8.06
C ASP A 145 -14.30 -0.11 7.58
N SER A 146 -14.44 -0.40 6.28
CA SER A 146 -14.07 -1.72 5.77
CA SER A 146 -14.07 -1.72 5.77
C SER A 146 -12.59 -2.00 5.99
N LEU A 147 -11.73 -1.00 5.76
CA LEU A 147 -10.30 -1.21 5.94
C LEU A 147 -9.96 -1.56 7.39
N TYR A 148 -10.48 -0.79 8.34
CA TYR A 148 -10.19 -1.07 9.75
C TYR A 148 -10.86 -2.34 10.23
N GLN A 149 -12.01 -2.72 9.66
CA GLN A 149 -12.61 -4.00 10.01
C GLN A 149 -11.70 -5.16 9.60
N ARG A 150 -11.19 -5.11 8.36
CA ARG A 150 -10.24 -6.15 7.93
C ARG A 150 -8.98 -6.15 8.80
N ALA A 151 -8.49 -4.96 9.14
CA ALA A 151 -7.30 -4.87 9.97
C ALA A 151 -7.55 -5.46 11.35
N LEU A 152 -8.73 -5.22 11.92
CA LEU A 152 -9.06 -5.77 13.23
C LEU A 152 -9.13 -7.29 13.18
N THR A 153 -9.68 -7.83 12.09
CA THR A 153 -9.70 -9.28 11.94
C THR A 153 -8.29 -9.86 11.91
N THR A 154 -7.40 -9.23 11.14
CA THR A 154 -6.02 -9.70 11.10
C THR A 154 -5.35 -9.57 12.46
N ALA A 155 -5.54 -8.43 13.13
CA ALA A 155 -4.87 -8.18 14.40
C ALA A 155 -5.28 -9.15 15.49
N THR A 156 -6.52 -9.66 15.44
CA THR A 156 -7.04 -10.52 16.50
C THR A 156 -7.05 -12.00 16.13
N GLN A 157 -6.50 -12.38 14.97
CA GLN A 157 -6.70 -13.73 14.46
C GLN A 157 -6.03 -14.81 15.30
N SER A 158 -5.07 -14.46 16.17
CA SER A 158 -4.38 -15.45 17.00
C SER A 158 -4.75 -15.39 18.47
N TYR A 159 -5.80 -14.64 18.84
CA TYR A 159 -6.20 -14.55 20.24
C TYR A 159 -6.57 -15.92 20.78
N CYS A 160 -7.39 -16.66 20.04
CA CYS A 160 -7.93 -17.91 20.55
C CYS A 160 -6.99 -19.07 20.27
N GLN A 161 -5.72 -18.82 20.62
CA GLN A 161 -4.62 -19.79 20.55
C GLN A 161 -3.96 -20.00 21.91
N ALA A 162 -4.45 -19.34 22.96
CA ALA A 162 -3.80 -19.44 24.27
C ALA A 162 -3.94 -20.86 24.83
N LEU A 163 -2.87 -21.34 25.45
CA LEU A 163 -2.91 -22.66 26.09
C LEU A 163 -2.73 -22.54 27.60
N THR B 3 -15.89 4.64 -31.44
CA THR B 3 -14.50 4.30 -31.11
C THR B 3 -13.65 5.55 -30.96
N SER B 4 -13.08 5.74 -29.78
CA SER B 4 -12.26 6.90 -29.53
C SER B 4 -10.97 6.84 -30.34
N GLN B 5 -10.54 8.00 -30.83
CA GLN B 5 -9.21 8.11 -31.43
C GLN B 5 -8.11 7.88 -30.41
N LEU B 6 -8.41 7.94 -29.10
CA LEU B 6 -7.42 7.68 -28.09
C LEU B 6 -7.52 6.28 -27.51
N ALA B 7 -8.28 5.38 -28.16
CA ALA B 7 -8.47 4.04 -27.63
C ALA B 7 -7.15 3.29 -27.54
N GLU B 8 -6.29 3.43 -28.55
CA GLU B 8 -5.05 2.61 -28.51
C GLU B 8 -4.10 3.15 -27.42
N LEU B 9 -4.04 4.47 -27.29
CA LEU B 9 -3.18 5.04 -26.25
C LEU B 9 -3.66 4.60 -24.87
N VAL B 10 -4.96 4.73 -24.61
CA VAL B 10 -5.46 4.38 -23.27
C VAL B 10 -5.37 2.88 -23.04
N ASP B 11 -5.55 2.07 -24.08
CA ASP B 11 -5.41 0.64 -23.92
C ASP B 11 -3.98 0.26 -23.57
N ALA B 12 -3.00 0.92 -24.21
CA ALA B 12 -1.59 0.65 -23.86
C ALA B 12 -1.30 1.08 -22.44
N ALA B 13 -1.84 2.23 -22.03
CA ALA B 13 -1.63 2.69 -20.66
C ALA B 13 -2.23 1.70 -19.66
N ALA B 14 -3.42 1.18 -19.94
CA ALA B 14 -4.04 0.18 -19.06
C ALA B 14 -3.21 -1.10 -19.02
N GLU B 15 -2.73 -1.56 -20.18
CA GLU B 15 -1.90 -2.75 -20.20
C GLU B 15 -0.63 -2.53 -19.40
N ARG B 16 -0.05 -1.33 -19.49
CA ARG B 16 1.15 -1.02 -18.72
C ARG B 16 0.87 -1.02 -17.22
N LEU B 17 -0.31 -0.50 -16.82
CA LEU B 17 -0.70 -0.56 -15.40
C LEU B 17 -0.71 -1.99 -14.90
N GLU B 18 -1.17 -2.92 -15.74
CA GLU B 18 -1.29 -4.32 -15.29
C GLU B 18 0.06 -4.96 -14.96
N VAL B 19 1.18 -4.36 -15.36
CA VAL B 19 2.48 -4.88 -14.93
C VAL B 19 2.68 -4.70 -13.42
N ALA B 20 1.90 -3.83 -12.79
CA ALA B 20 2.02 -3.65 -11.34
C ALA B 20 1.83 -4.98 -10.60
N ASP B 21 0.92 -5.84 -11.08
CA ASP B 21 0.65 -7.07 -10.32
C ASP B 21 1.86 -7.99 -10.26
N PRO B 22 2.45 -8.43 -11.38
CA PRO B 22 3.65 -9.28 -11.24
C PRO B 22 4.81 -8.58 -10.57
N VAL B 23 4.95 -7.26 -10.78
CA VAL B 23 6.02 -6.53 -10.12
C VAL B 23 5.81 -6.52 -8.61
N ALA B 24 4.58 -6.25 -8.16
CA ALA B 24 4.33 -6.25 -6.73
C ALA B 24 4.56 -7.64 -6.14
N ALA B 25 4.10 -8.69 -6.83
CA ALA B 25 4.31 -10.03 -6.29
C ALA B 25 5.80 -10.36 -6.15
N PHE B 26 6.60 -9.95 -7.15
CA PHE B 26 8.03 -10.17 -7.06
C PHE B 26 8.65 -9.36 -5.92
N LYS B 27 8.27 -8.09 -5.81
CA LYS B 27 8.85 -7.27 -4.75
C LYS B 27 8.48 -7.83 -3.38
N TRP B 28 7.24 -8.31 -3.23
CA TRP B 28 6.79 -8.85 -1.96
C TRP B 28 7.61 -10.07 -1.56
N ARG B 29 7.72 -11.04 -2.49
CA ARG B 29 8.42 -12.29 -2.17
C ARG B 29 9.93 -12.07 -2.02
N ALA B 30 10.53 -11.25 -2.87
CA ALA B 30 11.96 -11.05 -2.85
C ALA B 30 12.39 -9.94 -1.89
N GLN B 31 11.43 -9.31 -1.21
CA GLN B 31 11.70 -8.29 -0.20
C GLN B 31 12.40 -7.06 -0.78
N LEU B 32 12.07 -6.71 -2.01
N LEU B 32 12.07 -6.71 -2.01
CA LEU B 32 12.56 -5.46 -2.59
CA LEU B 32 12.56 -5.46 -2.59
C LEU B 32 11.81 -4.28 -1.99
C LEU B 32 11.81 -4.28 -1.98
N PRO B 33 12.48 -3.15 -1.78
CA PRO B 33 11.75 -1.93 -1.39
C PRO B 33 10.73 -1.59 -2.47
N ILE B 34 9.53 -1.24 -2.01
CA ILE B 34 8.47 -0.96 -2.96
C ILE B 34 8.74 0.36 -3.67
N GLU B 35 9.25 1.35 -2.95
CA GLU B 35 9.58 2.66 -3.51
C GLU B 35 11.03 2.68 -3.98
N ASP B 36 11.28 3.20 -5.19
CA ASP B 36 12.65 3.26 -5.73
C ASP B 36 12.77 4.54 -6.57
N SER B 37 13.14 5.65 -5.92
CA SER B 37 13.13 6.93 -6.63
C SER B 37 14.24 7.01 -7.68
N GLY B 38 15.36 6.32 -7.45
CA GLY B 38 16.45 6.33 -8.44
C GLY B 38 16.04 5.67 -9.75
N ARG B 39 15.32 4.55 -9.67
CA ARG B 39 14.78 3.93 -10.88
C ARG B 39 13.76 4.83 -11.57
N VAL B 40 12.89 5.49 -10.81
CA VAL B 40 11.93 6.41 -11.42
C VAL B 40 12.66 7.52 -12.17
N GLU B 41 13.71 8.09 -11.56
CA GLU B 41 14.46 9.13 -12.23
C GLU B 41 15.12 8.60 -13.51
N GLN B 42 15.71 7.40 -13.45
N GLN B 42 15.71 7.39 -13.46
CA GLN B 42 16.34 6.85 -14.66
CA GLN B 42 16.34 6.87 -14.67
C GLN B 42 15.30 6.65 -15.77
C GLN B 42 15.30 6.64 -15.77
N GLN B 43 14.12 6.12 -15.42
CA GLN B 43 13.07 5.89 -16.41
C GLN B 43 12.56 7.20 -16.99
N LEU B 44 12.31 8.19 -16.14
CA LEU B 44 11.79 9.46 -16.63
C LEU B 44 12.82 10.19 -17.49
N ALA B 45 14.10 10.14 -17.12
CA ALA B 45 15.11 10.77 -17.95
C ALA B 45 15.19 10.11 -19.32
N LYS B 46 15.18 8.77 -19.34
CA LYS B 46 15.20 8.07 -20.63
C LYS B 46 13.96 8.41 -21.46
N LEU B 47 12.79 8.47 -20.81
CA LEU B 47 11.57 8.76 -21.58
C LEU B 47 11.58 10.17 -22.13
N GLY B 48 12.15 11.13 -21.39
CA GLY B 48 12.30 12.47 -21.93
C GLY B 48 13.13 12.48 -23.20
N GLU B 49 14.22 11.70 -23.20
CA GLU B 49 15.05 11.71 -24.41
C GLU B 49 14.43 10.90 -25.56
N ASP B 50 13.68 9.84 -25.26
CA ASP B 50 12.92 9.16 -26.30
C ASP B 50 11.88 10.09 -26.91
N ALA B 51 11.20 10.87 -26.07
CA ALA B 51 10.27 11.88 -26.57
C ALA B 51 10.96 12.84 -27.51
N ARG B 52 12.13 13.36 -27.10
CA ARG B 52 12.88 14.25 -27.96
C ARG B 52 13.21 13.58 -29.29
N SER B 53 13.58 12.30 -29.23
CA SER B 53 13.87 11.53 -30.45
C SER B 53 12.66 11.40 -31.36
N GLN B 54 11.45 11.39 -30.81
CA GLN B 54 10.22 11.27 -31.58
C GLN B 54 9.53 12.62 -31.77
N HIS B 55 10.25 13.72 -31.53
CA HIS B 55 9.76 15.08 -31.78
C HIS B 55 8.49 15.37 -30.97
N ILE B 56 8.49 14.90 -29.72
CA ILE B 56 7.44 15.21 -28.74
C ILE B 56 8.06 16.10 -27.68
N ASP B 57 7.27 17.02 -27.14
CA ASP B 57 7.74 17.88 -26.06
C ASP B 57 8.15 17.01 -24.87
N PRO B 58 9.41 17.05 -24.44
CA PRO B 58 9.83 16.15 -23.34
C PRO B 58 9.10 16.38 -22.04
N ASP B 59 8.72 17.63 -21.73
CA ASP B 59 8.10 17.92 -20.44
C ASP B 59 6.69 17.34 -20.36
N TYR B 60 5.96 17.38 -21.47
CA TYR B 60 4.66 16.72 -21.56
C TYR B 60 4.80 15.23 -21.27
N VAL B 61 5.78 14.60 -21.93
CA VAL B 61 5.96 13.16 -21.77
C VAL B 61 6.38 12.80 -20.35
N THR B 62 7.32 13.54 -19.75
CA THR B 62 7.74 13.16 -18.40
C THR B 62 6.62 13.38 -17.39
N ARG B 63 5.77 14.40 -17.59
CA ARG B 63 4.62 14.53 -16.68
C ARG B 63 3.67 13.35 -16.83
N VAL B 64 3.37 12.97 -18.08
CA VAL B 64 2.46 11.86 -18.33
C VAL B 64 2.99 10.57 -17.75
N PHE B 65 4.28 10.28 -17.94
CA PHE B 65 4.80 9.04 -17.38
C PHE B 65 5.01 9.13 -15.88
N ASP B 66 5.21 10.31 -15.31
CA ASP B 66 5.20 10.35 -13.86
C ASP B 66 3.83 10.00 -13.31
N ASP B 67 2.75 10.50 -13.94
CA ASP B 67 1.41 10.08 -13.54
C ASP B 67 1.22 8.57 -13.72
N GLN B 68 1.67 8.03 -14.85
CA GLN B 68 1.57 6.58 -15.11
C GLN B 68 2.30 5.78 -14.04
N ILE B 69 3.51 6.22 -13.66
CA ILE B 69 4.27 5.49 -12.66
C ILE B 69 3.63 5.64 -11.28
N ARG B 70 3.16 6.83 -10.92
CA ARG B 70 2.44 6.98 -9.65
C ARG B 70 1.27 6.03 -9.58
N ALA B 71 0.52 5.91 -10.68
CA ALA B 71 -0.65 5.03 -10.69
C ALA B 71 -0.25 3.57 -10.54
N THR B 72 0.83 3.17 -11.23
CA THR B 72 1.35 1.82 -11.09
C THR B 72 1.75 1.52 -9.65
N GLU B 73 2.51 2.43 -9.05
CA GLU B 73 2.92 2.26 -7.65
C GLU B 73 1.71 2.20 -6.74
N ALA B 74 0.67 2.99 -7.03
CA ALA B 74 -0.54 2.93 -6.20
C ALA B 74 -1.15 1.53 -6.20
N ILE B 75 -1.15 0.88 -7.36
CA ILE B 75 -1.61 -0.50 -7.40
C ILE B 75 -0.74 -1.40 -6.53
N GLU B 76 0.58 -1.22 -6.64
CA GLU B 76 1.48 -2.06 -5.85
C GLU B 76 1.26 -1.87 -4.35
N TYR B 77 1.10 -0.62 -3.92
CA TYR B 77 0.83 -0.37 -2.50
C TYR B 77 -0.49 -1.00 -2.05
N SER B 78 -1.52 -0.94 -2.89
CA SER B 78 -2.79 -1.58 -2.53
C SER B 78 -2.62 -3.09 -2.34
N ARG B 79 -1.89 -3.73 -3.26
CA ARG B 79 -1.64 -5.17 -3.11
C ARG B 79 -0.89 -5.44 -1.81
N PHE B 80 0.11 -4.61 -1.50
CA PHE B 80 0.86 -4.82 -0.27
C PHE B 80 -0.05 -4.71 0.95
N SER B 81 -1.01 -3.80 0.91
CA SER B 81 -1.96 -3.72 2.02
C SER B 81 -2.74 -5.02 2.15
N ASP B 82 -3.26 -5.53 1.02
CA ASP B 82 -3.98 -6.80 1.06
C ASP B 82 -3.11 -7.92 1.62
N TRP B 83 -1.85 -7.96 1.20
CA TRP B 83 -1.00 -9.08 1.57
C TRP B 83 -0.47 -8.94 2.99
N LYS B 84 -0.39 -7.70 3.51
CA LYS B 84 -0.11 -7.53 4.93
C LYS B 84 -1.25 -8.09 5.76
N LEU B 85 -2.49 -7.89 5.30
CA LEU B 85 -3.62 -8.46 6.03
C LEU B 85 -3.63 -9.99 5.93
N ASN B 86 -3.17 -10.55 4.81
CA ASN B 86 -3.21 -12.00 4.62
C ASN B 86 -2.04 -12.44 3.74
N PRO B 87 -0.88 -12.71 4.35
CA PRO B 87 0.31 -13.03 3.52
C PRO B 87 0.14 -14.28 2.68
N ALA B 88 -0.69 -15.25 3.09
CA ALA B 88 -0.88 -16.43 2.27
C ALA B 88 -1.56 -16.12 0.95
N SER B 89 -2.19 -14.96 0.82
CA SER B 89 -2.85 -14.62 -0.44
C SER B 89 -1.89 -14.02 -1.46
N ALA B 90 -0.65 -13.72 -1.10
CA ALA B 90 0.27 -13.15 -2.07
C ALA B 90 0.59 -14.21 -3.13
N PRO B 91 0.41 -13.91 -4.41
CA PRO B 91 0.50 -14.94 -5.44
C PRO B 91 1.95 -15.26 -5.78
N PRO B 92 2.20 -16.39 -6.43
CA PRO B 92 3.58 -16.70 -6.83
C PRO B 92 4.12 -15.65 -7.78
N GLU B 93 5.38 -15.35 -7.60
CA GLU B 93 6.05 -14.27 -8.31
C GLU B 93 6.71 -14.79 -9.57
N PRO B 94 6.99 -13.91 -10.54
CA PRO B 94 7.76 -14.32 -11.72
C PRO B 94 9.19 -14.66 -11.32
N PRO B 95 9.89 -15.45 -12.13
CA PRO B 95 11.30 -15.77 -11.80
C PRO B 95 12.20 -14.55 -11.75
N ASP B 96 11.88 -13.51 -12.50
CA ASP B 96 12.61 -12.25 -12.49
C ASP B 96 11.72 -11.20 -13.12
N LEU B 97 12.25 -9.99 -13.28
CA LEU B 97 11.48 -8.88 -13.84
C LEU B 97 11.85 -8.58 -15.30
N SER B 98 12.59 -9.48 -15.96
CA SER B 98 12.97 -9.25 -17.35
C SER B 98 11.75 -9.18 -18.27
N ALA B 99 10.80 -10.11 -18.12
CA ALA B 99 9.59 -10.07 -18.93
C ALA B 99 8.80 -8.78 -18.69
N SER B 100 8.68 -8.36 -17.43
CA SER B 100 7.98 -7.11 -17.12
C SER B 100 8.70 -5.90 -17.70
N ARG B 101 10.02 -5.88 -17.60
N ARG B 101 10.02 -5.88 -17.59
CA ARG B 101 10.80 -4.76 -18.21
CA ARG B 101 10.78 -4.76 -18.21
C ARG B 101 10.57 -4.72 -19.73
C ARG B 101 10.54 -4.73 -19.73
N SER B 102 10.63 -5.89 -20.39
CA SER B 102 10.44 -5.90 -21.84
C SER B 102 9.04 -5.40 -22.21
N ALA B 103 8.03 -5.85 -21.46
CA ALA B 103 6.68 -5.36 -21.67
C ALA B 103 6.62 -3.85 -21.50
N ILE B 104 7.25 -3.33 -20.44
CA ILE B 104 7.24 -1.89 -20.19
C ILE B 104 7.94 -1.15 -21.33
N ASP B 105 9.08 -1.66 -21.79
CA ASP B 105 9.76 -0.99 -22.91
C ASP B 105 8.88 -0.95 -24.16
N SER B 106 8.23 -2.07 -24.49
N SER B 106 8.23 -2.07 -24.49
CA SER B 106 7.36 -2.09 -25.66
CA SER B 106 7.35 -2.10 -25.66
C SER B 106 6.18 -1.14 -25.50
C SER B 106 6.17 -1.15 -25.51
N LEU B 107 5.56 -1.14 -24.32
CA LEU B 107 4.40 -0.27 -24.09
C LEU B 107 4.82 1.20 -24.04
N ASN B 108 5.99 1.50 -23.49
CA ASN B 108 6.55 2.86 -23.57
C ASN B 108 6.59 3.33 -25.02
N ASN B 109 7.19 2.52 -25.88
CA ASN B 109 7.32 2.94 -27.29
C ASN B 109 5.96 3.05 -27.97
N ARG B 110 5.05 2.14 -27.64
CA ARG B 110 3.69 2.23 -28.19
C ARG B 110 3.01 3.53 -27.77
N MET B 111 3.13 3.88 -26.49
CA MET B 111 2.49 5.10 -25.98
C MET B 111 3.12 6.34 -26.58
N LEU B 112 4.44 6.35 -26.72
CA LEU B 112 5.10 7.50 -27.33
C LEU B 112 4.62 7.72 -28.76
N SER B 113 4.57 6.64 -29.55
CA SER B 113 4.12 6.81 -30.94
C SER B 113 2.66 7.23 -31.01
N GLN B 114 1.83 6.75 -30.07
CA GLN B 114 0.44 7.24 -30.00
C GLN B 114 0.38 8.72 -29.66
N ILE B 115 1.22 9.17 -28.73
CA ILE B 115 1.21 10.58 -28.33
C ILE B 115 1.64 11.47 -29.49
N TRP B 116 2.71 11.09 -30.18
CA TRP B 116 3.12 11.82 -31.37
C TRP B 116 2.00 11.83 -32.42
N SER B 117 1.47 10.66 -32.76
CA SER B 117 0.54 10.62 -33.89
C SER B 117 -0.77 11.31 -33.57
N HIS B 118 -1.12 11.43 -32.29
CA HIS B 118 -2.40 12.09 -31.89
C HIS B 118 -2.16 13.48 -31.31
N TRP B 119 -1.01 14.08 -31.57
CA TRP B 119 -0.69 15.36 -30.93
C TRP B 119 -1.73 16.43 -31.26
N SER B 120 -2.21 16.44 -32.51
CA SER B 120 -3.22 17.43 -32.90
C SER B 120 -4.48 17.28 -32.06
N LEU B 121 -4.87 16.04 -31.77
CA LEU B 121 -6.04 15.83 -30.93
C LEU B 121 -5.74 16.13 -29.47
N LEU B 122 -4.59 15.67 -28.97
CA LEU B 122 -4.26 15.88 -27.56
C LEU B 122 -4.19 17.35 -27.21
N SER B 123 -3.84 18.20 -28.17
CA SER B 123 -3.77 19.64 -27.96
C SER B 123 -5.04 20.35 -28.40
N ALA B 124 -6.09 19.61 -28.74
CA ALA B 124 -7.34 20.16 -29.25
C ALA B 124 -8.41 20.21 -28.16
N PRO B 125 -9.41 21.08 -28.34
CA PRO B 125 -10.47 21.17 -27.31
C PRO B 125 -11.18 19.84 -27.04
N SER B 126 -11.39 19.03 -28.07
CA SER B 126 -12.19 17.82 -27.90
C SER B 126 -11.41 16.66 -27.30
N CYS B 127 -10.15 16.87 -26.92
CA CYS B 127 -9.37 15.81 -26.29
C CYS B 127 -10.12 15.18 -25.12
N ALA B 128 -10.69 16.02 -24.24
CA ALA B 128 -11.38 15.48 -23.07
C ALA B 128 -12.49 14.51 -23.48
N ALA B 129 -13.27 14.87 -24.51
CA ALA B 129 -14.33 13.98 -24.94
C ALA B 129 -13.76 12.67 -25.43
N GLN B 130 -12.70 12.74 -26.26
CA GLN B 130 -12.09 11.51 -26.75
C GLN B 130 -11.52 10.71 -25.59
N LEU B 131 -10.87 11.39 -24.64
CA LEU B 131 -10.29 10.68 -23.52
C LEU B 131 -11.38 9.95 -22.74
N ASP B 132 -12.50 10.65 -22.50
CA ASP B 132 -13.54 10.04 -21.68
C ASP B 132 -14.08 8.78 -22.35
N ARG B 133 -14.32 8.86 -23.67
CA ARG B 133 -14.86 7.70 -24.36
C ARG B 133 -13.87 6.56 -24.31
N ALA B 134 -12.59 6.88 -24.53
CA ALA B 134 -11.56 5.85 -24.50
C ALA B 134 -11.53 5.17 -23.15
N LYS B 135 -11.56 5.96 -22.06
CA LYS B 135 -11.47 5.35 -20.75
C LYS B 135 -12.64 4.40 -20.54
N ARG B 136 -13.83 4.87 -20.85
CA ARG B 136 -15.04 4.04 -20.62
C ARG B 136 -14.90 2.73 -21.40
N ASP B 137 -14.46 2.81 -22.66
CA ASP B 137 -14.39 1.59 -23.46
C ASP B 137 -13.32 0.66 -22.93
N ILE B 138 -12.18 1.22 -22.54
CA ILE B 138 -11.10 0.35 -22.07
C ILE B 138 -11.51 -0.29 -20.75
N VAL B 139 -12.21 0.47 -19.90
CA VAL B 139 -12.61 -0.09 -18.61
C VAL B 139 -13.50 -1.29 -18.86
N ARG B 140 -14.35 -1.19 -19.89
CA ARG B 140 -15.25 -2.29 -20.20
C ARG B 140 -14.50 -3.44 -20.84
N SER B 141 -13.58 -3.15 -21.76
CA SER B 141 -13.01 -4.23 -22.55
C SER B 141 -11.97 -5.02 -21.76
N ARG B 142 -11.31 -4.38 -20.79
CA ARG B 142 -10.34 -5.06 -19.95
C ARG B 142 -10.92 -5.42 -18.58
N HIS B 143 -12.20 -5.14 -18.34
CA HIS B 143 -12.88 -5.53 -17.12
C HIS B 143 -12.13 -5.01 -15.89
N LEU B 144 -11.82 -3.71 -15.92
CA LEU B 144 -11.01 -3.11 -14.85
C LEU B 144 -11.87 -2.89 -13.61
N ASP B 145 -11.35 -3.29 -12.45
CA ASP B 145 -12.10 -3.12 -11.22
C ASP B 145 -11.88 -1.70 -10.72
N SER B 146 -12.39 -1.39 -9.51
CA SER B 146 -12.36 -0.01 -9.04
C SER B 146 -10.93 0.50 -8.88
N LEU B 147 -10.03 -0.34 -8.37
CA LEU B 147 -8.66 0.12 -8.18
C LEU B 147 -8.00 0.46 -9.51
N TYR B 148 -8.18 -0.40 -10.53
CA TYR B 148 -7.59 -0.09 -11.83
C TYR B 148 -8.30 1.09 -12.49
N GLN B 149 -9.59 1.31 -12.21
CA GLN B 149 -10.26 2.49 -12.75
C GLN B 149 -9.66 3.77 -12.18
N ARG B 150 -9.41 3.79 -10.87
CA ARG B 150 -8.78 4.96 -10.25
C ARG B 150 -7.36 5.16 -10.76
N ALA B 151 -6.62 4.05 -10.91
CA ALA B 151 -5.27 4.16 -11.44
C ALA B 151 -5.28 4.69 -12.87
N LEU B 152 -6.22 4.23 -13.69
CA LEU B 152 -6.25 4.68 -15.07
C LEU B 152 -6.61 6.16 -15.14
N THR B 153 -7.51 6.61 -14.27
CA THR B 153 -7.78 8.04 -14.19
C THR B 153 -6.52 8.83 -13.84
N THR B 154 -5.77 8.38 -12.84
CA THR B 154 -4.56 9.10 -12.47
C THR B 154 -3.55 9.08 -13.63
N ALA B 155 -3.44 7.94 -14.31
CA ALA B 155 -2.42 7.76 -15.34
C ALA B 155 -2.68 8.64 -16.55
N THR B 156 -3.94 8.93 -16.85
CA THR B 156 -4.31 9.68 -18.04
C THR B 156 -4.66 11.15 -17.76
N GLN B 157 -4.49 11.62 -16.52
CA GLN B 157 -5.06 12.92 -16.17
C GLN B 157 -4.39 14.09 -16.86
N SER B 158 -3.14 13.93 -17.33
CA SER B 158 -2.42 15.01 -17.98
C SER B 158 -2.43 14.93 -19.50
N TYR B 159 -3.19 13.98 -20.07
CA TYR B 159 -3.18 13.80 -21.53
C TYR B 159 -3.57 15.07 -22.25
N CYS B 160 -4.65 15.73 -21.80
CA CYS B 160 -5.21 16.84 -22.56
C CYS B 160 -4.56 18.17 -22.22
N GLN B 161 -3.35 18.15 -21.65
CA GLN B 161 -2.55 19.34 -21.41
C GLN B 161 -1.64 19.70 -22.58
N ALA B 162 -1.66 18.92 -23.66
CA ALA B 162 -0.73 19.14 -24.76
C ALA B 162 -0.90 20.54 -25.33
N LEU B 163 0.22 21.21 -25.57
CA LEU B 163 0.16 22.59 -26.10
C LEU B 163 0.21 22.58 -27.64
N GLN C 3 8.87 9.36 -2.58
CA GLN C 3 10.27 9.70 -2.38
C GLN C 3 10.86 10.27 -3.66
N PHE C 4 11.69 11.30 -3.51
CA PHE C 4 12.42 11.87 -4.64
C PHE C 4 13.50 12.80 -4.08
N GLU C 5 14.59 12.96 -4.85
CA GLU C 5 15.59 13.97 -4.51
C GLU C 5 15.17 15.31 -5.10
N GLN C 6 15.78 16.38 -4.58
CA GLN C 6 15.40 17.73 -4.99
C GLN C 6 15.63 17.95 -6.48
N TRP C 7 16.61 17.25 -7.07
CA TRP C 7 16.94 17.44 -8.47
C TRP C 7 16.19 16.48 -9.41
N HIS C 8 15.36 15.58 -8.88
CA HIS C 8 14.67 14.59 -9.69
C HIS C 8 13.54 15.22 -10.51
N ILE C 9 13.25 14.62 -11.66
CA ILE C 9 12.09 15.03 -12.47
C ILE C 9 10.79 14.88 -11.67
N ARG C 10 10.67 13.81 -10.90
CA ARG C 10 9.45 13.60 -10.13
C ARG C 10 9.15 14.77 -9.18
N GLY C 11 10.19 15.49 -8.74
CA GLY C 11 9.97 16.63 -7.87
C GLY C 11 9.20 17.78 -8.52
N ARG C 12 9.08 17.78 -9.85
CA ARG C 12 8.42 18.86 -10.61
C ARG C 12 6.91 18.75 -10.64
N TYR C 13 6.34 17.60 -10.30
CA TYR C 13 4.96 17.30 -10.66
C TYR C 13 4.17 17.03 -9.38
N ALA C 14 3.10 16.23 -9.48
CA ALA C 14 2.15 16.09 -8.38
C ALA C 14 2.81 15.84 -7.03
N CYS C 15 3.98 15.18 -7.00
CA CYS C 15 4.64 14.83 -5.75
C CYS C 15 5.34 16.01 -5.09
N GLN D 3 9.24 -7.57 4.92
CA GLN D 3 10.70 -7.74 5.05
C GLN D 3 11.05 -8.29 6.42
N PHE D 4 11.99 -9.23 6.45
CA PHE D 4 12.43 -9.85 7.70
C PHE D 4 13.63 -10.74 7.36
N GLU D 5 14.54 -10.88 8.31
CA GLU D 5 15.61 -11.86 8.21
C GLU D 5 15.08 -13.23 8.64
N GLN D 6 15.73 -14.30 8.16
CA GLN D 6 15.19 -15.63 8.40
C GLN D 6 15.26 -16.03 9.88
N TRP D 7 16.10 -15.39 10.68
CA TRP D 7 16.16 -15.63 12.11
C TRP D 7 15.27 -14.68 12.92
N HIS D 8 14.61 -13.72 12.28
CA HIS D 8 13.74 -12.79 12.98
C HIS D 8 12.49 -13.48 13.53
N ILE D 9 11.92 -12.88 14.57
CA ILE D 9 10.66 -13.37 15.13
C ILE D 9 9.57 -13.38 14.07
N ARG D 10 9.47 -12.30 13.29
CA ARG D 10 8.47 -12.21 12.21
C ARG D 10 8.59 -13.37 11.23
N GLY D 11 9.79 -13.94 11.07
CA GLY D 11 9.93 -15.08 10.16
C GLY D 11 9.22 -16.34 10.63
N ARG D 12 8.81 -16.39 11.89
CA ARG D 12 8.18 -17.59 12.44
C ARG D 12 6.68 -17.63 12.22
N TYR D 13 6.10 -16.55 11.73
CA TYR D 13 4.65 -16.35 11.80
C TYR D 13 4.13 -16.18 10.38
N ALA D 14 2.99 -15.50 10.19
CA ALA D 14 2.32 -15.48 8.89
C ALA D 14 3.22 -15.04 7.75
N CYS D 15 4.23 -14.21 8.00
CA CYS D 15 5.09 -13.73 6.92
C CYS D 15 6.04 -14.79 6.39
#